data_2F57
#
_entry.id   2F57
#
_cell.length_a   98.661
_cell.length_b   56.599
_cell.length_c   120.764
_cell.angle_alpha   90.00
_cell.angle_beta   103.13
_cell.angle_gamma   90.00
#
_symmetry.space_group_name_H-M   'C 1 2 1'
#
loop_
_entity.id
_entity.type
_entity.pdbx_description
1 polymer 'Serine/threonine-protein kinase PAK 7'
2 non-polymer 2-AMINO-2-HYDROXYMETHYL-PROPANE-1,3-DIOL
3 non-polymer N2-[(1R,2S)-2-AMINOCYCLOHEXYL]-N6-(3-CHLOROPHENYL)-9-ETHYL-9H-PURINE-2,6-DIAMINE
4 water water
#
_entity_poly.entity_id   1
_entity_poly.type   'polypeptide(L)'
_entity_poly.pdbx_seq_one_letter_code
;MGSSHHHHHHSSGRENLYFQSMSRVSHEQFRAALQLVVSPGDPREYLANFIKIGEGSTGIVCIATEKHTGKQVAVKKMDL
RKQQRRELLFNEVVIMRDYHHDNVVDMYSSYLVGDELWVVMEFLEGGALTDIVTHTRMNEEQIATVCLSVLRALSYLHNQ
GVIHRDIKSDSILLTSDGRIKLSDFGFCAQVSKEVPKRK(SEP)LVGTPYWMAPEVISRLPYGTEVDIWSLGIMVIEMID
GEPPYFNEPPLQAMRRIRDSLPPRVKDLHKVSSVLRGFLDLMLVREPSQRATAQELLGHPFLKLAGPPSCIVPLMRQYRH
H
;
_entity_poly.pdbx_strand_id   A,B
#
# COMPACT_ATOMS: atom_id res chain seq x y z
N ASN A 16 22.19 -39.33 -9.90
CA ASN A 16 21.65 -40.36 -8.96
C ASN A 16 22.26 -40.29 -7.55
N LEU A 17 22.43 -39.06 -7.05
CA LEU A 17 22.77 -38.84 -5.65
C LEU A 17 21.48 -38.48 -4.93
N TYR A 18 21.22 -39.13 -3.79
CA TYR A 18 20.04 -38.81 -3.00
C TYR A 18 20.40 -37.79 -1.92
N PHE A 19 19.79 -36.62 -1.99
CA PHE A 19 19.93 -35.62 -0.95
C PHE A 19 18.71 -35.73 -0.06
N GLN A 20 18.94 -35.86 1.24
CA GLN A 20 17.87 -36.17 2.19
C GLN A 20 17.02 -34.93 2.47
N SER A 21 15.76 -35.14 2.83
CA SER A 21 14.82 -34.03 3.07
C SER A 21 15.25 -33.23 4.29
N MET A 22 14.76 -32.00 4.40
CA MET A 22 15.21 -31.09 5.46
C MET A 22 14.90 -31.62 6.85
N SER A 23 13.87 -32.44 7.00
CA SER A 23 13.59 -33.06 8.30
C SER A 23 14.67 -34.07 8.71
N ARG A 24 15.39 -34.63 7.74
CA ARG A 24 16.38 -35.69 7.97
C ARG A 24 17.81 -35.15 8.19
N VAL A 25 18.14 -34.01 7.59
CA VAL A 25 19.50 -33.48 7.69
C VAL A 25 19.88 -33.17 9.14
N SER A 26 21.19 -33.06 9.39
CA SER A 26 21.71 -32.71 10.71
C SER A 26 21.15 -31.37 11.16
N HIS A 27 21.11 -31.17 12.47
CA HIS A 27 20.76 -29.85 13.00
C HIS A 27 21.71 -28.79 12.43
N GLU A 28 22.98 -29.14 12.29
CA GLU A 28 23.98 -28.21 11.75
C GLU A 28 23.68 -27.82 10.31
N GLN A 29 23.19 -28.76 9.50
CA GLN A 29 22.85 -28.45 8.10
C GLN A 29 21.47 -27.81 7.94
N PHE A 30 20.56 -28.01 8.91
CA PHE A 30 19.34 -27.20 8.99
C PHE A 30 19.73 -25.76 9.27
N ARG A 31 20.64 -25.56 10.22
CA ARG A 31 21.13 -24.22 10.51
C ARG A 31 21.87 -23.58 9.31
N ALA A 32 22.68 -24.37 8.61
CA ALA A 32 23.42 -23.89 7.44
C ALA A 32 22.50 -23.47 6.31
N ALA A 33 21.39 -24.18 6.16
CA ALA A 33 20.36 -23.82 5.19
C ALA A 33 19.81 -22.44 5.53
N LEU A 34 19.50 -22.22 6.80
CA LEU A 34 18.96 -20.94 7.25
C LEU A 34 20.00 -19.84 7.13
N GLN A 35 21.27 -20.19 7.37
CA GLN A 35 22.35 -19.21 7.32
C GLN A 35 22.48 -18.56 5.95
N LEU A 36 22.15 -19.30 4.90
CA LEU A 36 22.19 -18.76 3.54
C LEU A 36 21.10 -17.72 3.25
N VAL A 37 20.01 -17.75 4.02
CA VAL A 37 18.87 -16.87 3.77
C VAL A 37 18.63 -15.77 4.80
N VAL A 38 19.35 -15.81 5.93
CA VAL A 38 19.25 -14.73 6.93
C VAL A 38 20.37 -13.72 6.76
N SER A 39 20.25 -12.57 7.43
CA SER A 39 21.32 -11.58 7.43
C SER A 39 22.53 -12.06 8.24
N PRO A 40 23.74 -11.76 7.76
CA PRO A 40 24.91 -12.15 8.52
C PRO A 40 25.03 -11.32 9.80
N GLY A 41 25.81 -11.81 10.75
CA GLY A 41 26.17 -11.02 11.92
C GLY A 41 25.28 -11.21 13.13
N ASP A 42 25.45 -10.31 14.09
CA ASP A 42 24.89 -10.46 15.43
C ASP A 42 24.09 -9.23 15.78
N PRO A 43 22.75 -9.37 15.87
CA PRO A 43 21.88 -8.20 16.04
C PRO A 43 22.04 -7.50 17.40
N ARG A 44 22.65 -8.16 18.37
CA ARG A 44 22.90 -7.54 19.67
C ARG A 44 23.89 -6.38 19.54
N GLU A 45 24.55 -6.28 18.38
CA GLU A 45 25.42 -5.15 18.07
C GLU A 45 24.64 -3.85 17.95
N TYR A 46 23.44 -3.94 17.37
CA TYR A 46 22.62 -2.77 17.09
C TYR A 46 21.34 -2.68 17.95
N LEU A 47 21.04 -3.74 18.71
CA LEU A 47 19.84 -3.79 19.54
C LEU A 47 20.18 -3.94 21.01
N ALA A 48 19.38 -3.29 21.87
CA ALA A 48 19.57 -3.38 23.31
C ALA A 48 18.25 -3.25 24.07
N ASN A 49 18.31 -3.54 25.37
CA ASN A 49 17.15 -3.42 26.26
C ASN A 49 16.05 -4.44 25.96
N PHE A 50 16.43 -5.71 25.93
CA PHE A 50 15.48 -6.78 25.63
C PHE A 50 14.57 -7.10 26.81
N ILE A 51 13.26 -6.99 26.59
CA ILE A 51 12.26 -7.36 27.59
C ILE A 51 11.32 -8.41 27.00
N LYS A 52 11.20 -9.55 27.68
CA LYS A 52 10.34 -10.64 27.22
C LYS A 52 8.87 -10.24 27.36
N ILE A 53 8.08 -10.50 26.32
CA ILE A 53 6.64 -10.21 26.34
C ILE A 53 5.74 -11.39 25.92
N GLY A 54 6.35 -12.55 25.65
CA GLY A 54 5.60 -13.73 25.19
C GLY A 54 6.49 -14.96 25.12
N GLU A 55 5.89 -16.15 25.17
CA GLU A 55 6.65 -17.40 25.26
C GLU A 55 6.01 -18.61 24.60
N GLY A 56 6.87 -19.55 24.17
CA GLY A 56 6.48 -20.91 23.81
C GLY A 56 5.77 -21.05 22.47
N SER A 57 5.73 -22.27 21.91
CA SER A 57 6.42 -23.45 22.45
C SER A 57 7.80 -23.64 21.83
N THR A 58 8.03 -23.00 20.68
CA THR A 58 9.32 -23.05 19.98
C THR A 58 10.31 -22.00 20.45
N GLY A 59 9.81 -20.92 21.07
CA GLY A 59 10.68 -19.82 21.50
C GLY A 59 10.02 -18.70 22.28
N ILE A 60 10.59 -17.50 22.15
CA ILE A 60 10.25 -16.37 23.02
C ILE A 60 10.13 -15.10 22.18
N VAL A 61 9.32 -14.15 22.63
CA VAL A 61 9.20 -12.84 21.97
C VAL A 61 9.60 -11.72 22.90
N CYS A 62 10.46 -10.84 22.40
CA CYS A 62 10.97 -9.71 23.18
C CYS A 62 10.77 -8.41 22.46
N ILE A 63 10.70 -7.33 23.23
CA ILE A 63 10.79 -5.99 22.69
C ILE A 63 12.20 -5.50 23.00
N ALA A 64 12.88 -4.95 22.00
CA ALA A 64 14.20 -4.37 22.18
C ALA A 64 14.20 -2.95 21.65
N THR A 65 15.26 -2.22 21.96
CA THR A 65 15.42 -0.85 21.48
C THR A 65 16.66 -0.76 20.60
N GLU A 66 16.46 -0.25 19.39
CA GLU A 66 17.55 -0.02 18.46
C GLU A 66 18.41 1.12 19.02
N LYS A 67 19.71 0.85 19.19
CA LYS A 67 20.62 1.80 19.84
C LYS A 67 20.92 3.04 19.00
N HIS A 68 20.98 2.85 17.69
CA HIS A 68 21.28 3.95 16.76
C HIS A 68 20.16 4.98 16.69
N THR A 69 18.93 4.51 16.79
CA THR A 69 17.74 5.33 16.54
C THR A 69 16.85 5.53 17.77
N GLY A 70 16.83 4.55 18.67
CA GLY A 70 15.90 4.53 19.80
C GLY A 70 14.56 3.89 19.45
N LYS A 71 14.44 3.41 18.21
CA LYS A 71 13.23 2.74 17.75
C LYS A 71 12.99 1.43 18.47
N GLN A 72 11.71 1.18 18.79
CA GLN A 72 11.28 -0.09 19.36
C GLN A 72 11.05 -1.10 18.25
N VAL A 73 11.54 -2.31 18.46
CA VAL A 73 11.30 -3.41 17.54
C VAL A 73 10.89 -4.64 18.35
N ALA A 74 10.23 -5.57 17.69
CA ALA A 74 9.94 -6.86 18.31
C ALA A 74 10.97 -7.86 17.76
N VAL A 75 11.43 -8.77 18.61
CA VAL A 75 12.37 -9.80 18.20
C VAL A 75 11.81 -11.15 18.63
N LYS A 76 11.51 -12.00 17.66
CA LYS A 76 11.11 -13.37 17.92
C LYS A 76 12.35 -14.25 17.95
N LYS A 77 12.59 -14.92 19.07
CA LYS A 77 13.73 -15.79 19.24
C LYS A 77 13.24 -17.23 19.30
N MET A 78 13.60 -18.03 18.31
CA MET A 78 13.12 -19.40 18.23
C MET A 78 14.28 -20.37 18.29
N ASP A 79 14.15 -21.38 19.15
CA ASP A 79 15.12 -22.46 19.30
C ASP A 79 15.00 -23.39 18.10
N LEU A 80 16.07 -23.47 17.31
CA LEU A 80 16.07 -24.28 16.11
C LEU A 80 16.00 -25.77 16.38
N ARG A 81 16.43 -26.20 17.56
CA ARG A 81 16.36 -27.62 17.93
C ARG A 81 14.93 -28.09 18.27
N LYS A 82 14.03 -27.15 18.48
CA LYS A 82 12.63 -27.46 18.80
C LYS A 82 11.68 -27.36 17.59
N GLN A 83 12.22 -27.00 16.42
CA GLN A 83 11.41 -26.81 15.21
C GLN A 83 11.07 -28.15 14.54
N GLN A 84 9.79 -28.48 14.54
CA GLN A 84 9.32 -29.73 13.93
C GLN A 84 8.89 -29.51 12.47
N ARG A 85 8.70 -28.25 12.08
CA ARG A 85 8.32 -27.91 10.70
C ARG A 85 9.45 -27.09 10.09
N ARG A 86 10.60 -27.73 9.96
CA ARG A 86 11.81 -27.05 9.51
C ARG A 86 11.62 -26.35 8.18
N GLU A 87 10.98 -27.04 7.23
CA GLU A 87 10.87 -26.53 5.88
C GLU A 87 9.89 -25.35 5.78
N LEU A 88 8.79 -25.42 6.54
CA LEU A 88 7.85 -24.30 6.57
C LEU A 88 8.52 -23.06 7.15
N LEU A 89 9.36 -23.26 8.17
CA LEU A 89 10.11 -22.13 8.75
C LEU A 89 11.08 -21.54 7.73
N PHE A 90 11.82 -22.40 7.06
CA PHE A 90 12.73 -21.97 6.02
C PHE A 90 12.01 -21.16 4.94
N ASN A 91 10.91 -21.72 4.44
CA ASN A 91 10.11 -21.07 3.39
C ASN A 91 9.56 -19.72 3.88
N GLU A 92 9.09 -19.69 5.12
CA GLU A 92 8.58 -18.46 5.73
C GLU A 92 9.64 -17.37 5.81
N VAL A 93 10.85 -17.73 6.23
CA VAL A 93 11.95 -16.75 6.40
C VAL A 93 12.29 -16.05 5.09
N VAL A 94 12.34 -16.82 4.00
CA VAL A 94 12.55 -16.24 2.66
C VAL A 94 11.45 -15.24 2.28
N ILE A 95 10.18 -15.60 2.50
CA ILE A 95 9.06 -14.71 2.17
C ILE A 95 9.12 -13.41 2.94
N MET A 96 9.32 -13.50 4.25
CA MET A 96 9.45 -12.30 5.08
C MET A 96 10.65 -11.45 4.65
N ARG A 97 11.70 -12.09 4.13
CA ARG A 97 12.88 -11.34 3.67
C ARG A 97 12.57 -10.55 2.39
N ASP A 98 11.86 -11.16 1.45
CA ASP A 98 11.76 -10.65 0.10
C ASP A 98 10.54 -9.80 -0.22
N TYR A 99 9.48 -9.93 0.57
CA TYR A 99 8.23 -9.24 0.29
C TYR A 99 7.85 -8.32 1.43
N HIS A 100 7.44 -7.11 1.05
CA HIS A 100 7.15 -6.02 1.98
C HIS A 100 5.96 -5.20 1.51
N HIS A 101 5.07 -4.90 2.45
CA HIS A 101 3.84 -4.18 2.14
C HIS A 101 3.28 -3.59 3.42
N ASP A 102 2.65 -2.43 3.28
CA ASP A 102 2.17 -1.65 4.42
C ASP A 102 1.09 -2.37 5.24
N ASN A 103 0.43 -3.36 4.64
CA ASN A 103 -0.59 -4.15 5.33
C ASN A 103 -0.12 -5.58 5.64
N VAL A 104 1.19 -5.76 5.70
CA VAL A 104 1.79 -7.01 6.10
C VAL A 104 2.81 -6.68 7.20
N VAL A 105 2.78 -7.39 8.32
CA VAL A 105 3.68 -7.07 9.44
C VAL A 105 5.09 -7.26 8.92
N ASP A 106 5.91 -6.24 9.06
CA ASP A 106 7.17 -6.23 8.36
C ASP A 106 8.28 -6.89 9.18
N MET A 107 9.02 -7.75 8.51
CA MET A 107 10.24 -8.27 9.07
C MET A 107 11.39 -7.39 8.60
N TYR A 108 12.06 -6.74 9.55
CA TYR A 108 13.18 -5.85 9.23
C TYR A 108 14.40 -6.65 8.81
N SER A 109 14.72 -7.66 9.60
CA SER A 109 15.87 -8.53 9.32
C SER A 109 15.81 -9.75 10.19
N SER A 110 16.53 -10.79 9.75
CA SER A 110 16.66 -12.01 10.52
CA SER A 110 16.66 -12.02 10.53
C SER A 110 18.14 -12.38 10.68
N TYR A 111 18.43 -13.12 11.75
CA TYR A 111 19.78 -13.48 12.12
C TYR A 111 19.78 -14.82 12.82
N LEU A 112 20.96 -15.45 12.87
CA LEU A 112 21.19 -16.62 13.73
C LEU A 112 22.10 -16.22 14.88
N VAL A 113 21.67 -16.49 16.10
CA VAL A 113 22.51 -16.32 17.28
C VAL A 113 22.55 -17.67 17.98
N GLY A 114 23.69 -18.36 17.86
CA GLY A 114 23.83 -19.71 18.36
C GLY A 114 22.82 -20.61 17.68
N ASP A 115 22.07 -21.38 18.45
CA ASP A 115 21.04 -22.26 17.90
C ASP A 115 19.67 -21.57 17.81
N GLU A 116 19.65 -20.24 17.85
CA GLU A 116 18.40 -19.50 17.75
C GLU A 116 18.29 -18.72 16.46
N LEU A 117 17.07 -18.70 15.91
CA LEU A 117 16.70 -17.80 14.82
C LEU A 117 16.09 -16.57 15.47
N TRP A 118 16.68 -15.40 15.20
CA TRP A 118 16.15 -14.13 15.70
C TRP A 118 15.49 -13.43 14.53
N VAL A 119 14.20 -13.15 14.66
CA VAL A 119 13.47 -12.43 13.63
C VAL A 119 13.09 -11.06 14.18
N VAL A 120 13.64 -10.01 13.56
CA VAL A 120 13.45 -8.65 14.05
C VAL A 120 12.29 -8.06 13.27
N MET A 121 11.19 -7.77 13.97
CA MET A 121 9.92 -7.40 13.33
C MET A 121 9.45 -6.04 13.83
N GLU A 122 8.54 -5.43 13.09
CA GLU A 122 7.90 -4.22 13.58
C GLU A 122 7.04 -4.56 14.80
N PHE A 123 7.05 -3.67 15.78
CA PHE A 123 6.33 -3.86 17.03
C PHE A 123 4.94 -3.23 16.91
N LEU A 124 3.91 -4.07 16.89
CA LEU A 124 2.52 -3.62 16.81
C LEU A 124 1.87 -3.83 18.16
N GLU A 125 1.23 -2.78 18.67
CA GLU A 125 0.74 -2.77 20.05
C GLU A 125 -0.78 -2.81 20.17
N GLY A 126 -1.48 -3.02 19.06
CA GLY A 126 -2.94 -2.96 19.08
C GLY A 126 -3.66 -4.29 19.22
N GLY A 127 -2.92 -5.37 19.44
CA GLY A 127 -3.51 -6.69 19.59
C GLY A 127 -3.98 -7.29 18.29
N ALA A 128 -4.75 -8.39 18.39
CA ALA A 128 -5.24 -9.14 17.25
C ALA A 128 -6.72 -8.85 17.02
N LEU A 129 -7.20 -9.11 15.81
CA LEU A 129 -8.59 -8.90 15.46
C LEU A 129 -9.53 -9.84 16.23
N THR A 130 -9.03 -11.01 16.58
CA THR A 130 -9.79 -11.96 17.38
C THR A 130 -10.39 -11.34 18.65
N ASP A 131 -9.60 -10.53 19.35
CA ASP A 131 -10.06 -9.91 20.59
C ASP A 131 -11.29 -9.03 20.34
N ILE A 132 -11.30 -8.38 19.18
CA ILE A 132 -12.40 -7.51 18.79
C ILE A 132 -13.64 -8.31 18.44
N VAL A 133 -13.52 -9.30 17.56
CA VAL A 133 -14.72 -9.97 17.04
C VAL A 133 -15.39 -10.86 18.08
N THR A 134 -14.65 -11.23 19.11
CA THR A 134 -15.18 -12.04 20.22
C THR A 134 -15.78 -11.21 21.35
N HIS A 135 -15.54 -9.89 21.35
CA HIS A 135 -16.04 -9.03 22.44
C HIS A 135 -16.86 -7.80 22.01
N THR A 136 -16.79 -7.42 20.73
CA THR A 136 -17.51 -6.26 20.22
C THR A 136 -18.27 -6.63 18.95
N ARG A 137 -19.12 -5.71 18.54
CA ARG A 137 -19.89 -5.84 17.32
C ARG A 137 -19.40 -4.78 16.32
N MET A 138 -18.64 -5.20 15.31
CA MET A 138 -18.10 -4.28 14.33
C MET A 138 -19.20 -3.81 13.40
N ASN A 139 -19.12 -2.55 12.97
CA ASN A 139 -20.04 -2.02 11.97
C ASN A 139 -19.49 -2.27 10.58
N GLU A 140 -20.30 -2.02 9.56
CA GLU A 140 -19.88 -2.31 8.20
C GLU A 140 -18.74 -1.42 7.72
N GLU A 141 -18.67 -0.17 8.20
CA GLU A 141 -17.50 0.69 7.91
C GLU A 141 -16.20 0.04 8.40
N GLN A 142 -16.24 -0.47 9.62
CA GLN A 142 -15.08 -1.12 10.24
C GLN A 142 -14.73 -2.43 9.52
N ILE A 143 -15.73 -3.24 9.21
CA ILE A 143 -15.50 -4.45 8.41
C ILE A 143 -14.87 -4.12 7.05
N ALA A 144 -15.38 -3.11 6.35
CA ALA A 144 -14.82 -2.71 5.06
C ALA A 144 -13.37 -2.26 5.20
N THR A 145 -13.07 -1.58 6.30
CA THR A 145 -11.68 -1.11 6.55
C THR A 145 -10.71 -2.28 6.69
N VAL A 146 -11.09 -3.29 7.49
CA VAL A 146 -10.31 -4.52 7.59
C VAL A 146 -10.17 -5.20 6.24
N CYS A 147 -11.28 -5.41 5.53
CA CYS A 147 -11.24 -6.10 4.24
C CYS A 147 -10.35 -5.36 3.24
N LEU A 148 -10.44 -4.04 3.21
CA LEU A 148 -9.63 -3.25 2.25
C LEU A 148 -8.15 -3.45 2.52
N SER A 149 -7.78 -3.39 3.78
CA SER A 149 -6.39 -3.57 4.20
C SER A 149 -5.89 -4.95 3.82
N VAL A 150 -6.69 -5.97 4.12
CA VAL A 150 -6.25 -7.33 3.83
C VAL A 150 -6.18 -7.57 2.32
N LEU A 151 -7.17 -7.08 1.58
CA LEU A 151 -7.20 -7.24 0.14
C LEU A 151 -6.05 -6.51 -0.55
N ARG A 152 -5.61 -5.38 -0.01
CA ARG A 152 -4.42 -4.73 -0.57
C ARG A 152 -3.20 -5.63 -0.38
N ALA A 153 -3.04 -6.20 0.82
CA ALA A 153 -1.94 -7.13 1.09
C ALA A 153 -2.01 -8.31 0.12
N LEU A 154 -3.20 -8.90 -0.01
CA LEU A 154 -3.36 -10.07 -0.89
C LEU A 154 -3.11 -9.72 -2.36
N SER A 155 -3.59 -8.56 -2.82
CA SER A 155 -3.32 -8.05 -4.17
C SER A 155 -1.80 -8.13 -4.50
N TYR A 156 -1.02 -7.61 -3.57
CA TYR A 156 0.43 -7.56 -3.69
C TYR A 156 1.05 -8.97 -3.64
N LEU A 157 0.65 -9.73 -2.63
CA LEU A 157 1.23 -11.05 -2.38
C LEU A 157 0.85 -12.02 -3.50
N HIS A 158 -0.42 -12.02 -3.87
CA HIS A 158 -0.89 -12.93 -4.94
C HIS A 158 -0.18 -12.65 -6.27
N ASN A 159 0.10 -11.38 -6.55
CA ASN A 159 0.81 -11.02 -7.76
C ASN A 159 2.26 -11.54 -7.76
N GLN A 160 2.81 -11.79 -6.57
CA GLN A 160 4.16 -12.34 -6.42
C GLN A 160 4.13 -13.86 -6.28
N GLY A 161 2.95 -14.46 -6.38
CA GLY A 161 2.76 -15.90 -6.23
C GLY A 161 2.73 -16.41 -4.80
N VAL A 162 2.63 -15.51 -3.83
CA VAL A 162 2.59 -15.92 -2.43
C VAL A 162 1.17 -16.19 -1.97
N ILE A 163 0.97 -17.37 -1.37
CA ILE A 163 -0.32 -17.73 -0.77
C ILE A 163 -0.13 -17.79 0.75
N HIS A 164 -0.98 -17.07 1.47
CA HIS A 164 -0.86 -17.03 2.93
C HIS A 164 -1.33 -18.36 3.56
N ARG A 165 -2.46 -18.87 3.07
CA ARG A 165 -3.05 -20.16 3.46
C ARG A 165 -3.64 -20.25 4.87
N ASP A 166 -3.56 -19.19 5.67
CA ASP A 166 -3.97 -19.25 7.07
C ASP A 166 -4.63 -17.96 7.54
N ILE A 167 -5.40 -17.34 6.64
CA ILE A 167 -6.13 -16.11 6.97
C ILE A 167 -7.24 -16.43 7.99
N LYS A 168 -7.25 -15.65 9.07
CA LYS A 168 -8.22 -15.76 10.16
C LYS A 168 -7.99 -14.55 11.07
N SER A 169 -8.96 -14.23 11.92
CA SER A 169 -8.86 -13.03 12.77
C SER A 169 -7.59 -13.04 13.63
N ASP A 170 -7.16 -14.23 14.03
CA ASP A 170 -5.97 -14.41 14.90
C ASP A 170 -4.68 -13.90 14.26
N SER A 171 -4.64 -13.88 12.94
CA SER A 171 -3.47 -13.53 12.16
C SER A 171 -3.49 -12.09 11.68
N ILE A 172 -4.53 -11.35 12.07
CA ILE A 172 -4.66 -9.94 11.72
C ILE A 172 -4.33 -9.12 12.96
N LEU A 173 -3.28 -8.31 12.86
CA LEU A 173 -2.82 -7.50 13.96
C LEU A 173 -3.06 -6.03 13.68
N LEU A 174 -3.10 -5.25 14.75
CA LEU A 174 -3.43 -3.83 14.67
C LEU A 174 -2.33 -2.97 15.27
N THR A 175 -2.08 -1.82 14.65
CA THR A 175 -1.24 -0.80 15.25
C THR A 175 -2.04 -0.07 16.31
N SER A 176 -1.35 0.66 17.16
CA SER A 176 -2.01 1.45 18.19
C SER A 176 -3.00 2.46 17.59
N ASP A 177 -2.70 2.95 16.39
CA ASP A 177 -3.57 3.97 15.75
C ASP A 177 -4.61 3.39 14.80
N GLY A 178 -4.73 2.06 14.79
CA GLY A 178 -5.86 1.42 14.11
C GLY A 178 -5.61 0.90 12.71
N ARG A 179 -4.34 0.77 12.31
CA ARG A 179 -3.99 0.18 11.02
C ARG A 179 -3.99 -1.34 11.14
N ILE A 180 -4.24 -2.01 10.03
CA ILE A 180 -4.54 -3.44 9.99
C ILE A 180 -3.48 -4.13 9.16
N LYS A 181 -2.86 -5.17 9.71
CA LYS A 181 -1.73 -5.83 9.06
C LYS A 181 -1.86 -7.32 9.16
N LEU A 182 -1.57 -8.00 8.03
CA LEU A 182 -1.60 -9.45 7.95
C LEU A 182 -0.31 -9.98 8.53
N SER A 183 -0.41 -10.99 9.38
CA SER A 183 0.75 -11.55 10.07
C SER A 183 0.78 -13.08 9.99
N ASP A 184 1.82 -13.65 10.62
CA ASP A 184 1.98 -15.09 10.76
C ASP A 184 1.93 -15.85 9.44
N PHE A 185 3.07 -15.83 8.74
CA PHE A 185 3.20 -16.53 7.46
C PHE A 185 3.77 -17.94 7.61
N GLY A 186 3.59 -18.55 8.79
CA GLY A 186 4.12 -19.87 9.07
C GLY A 186 3.62 -20.97 8.14
N PHE A 187 2.44 -20.77 7.57
CA PHE A 187 1.83 -21.75 6.66
C PHE A 187 1.86 -21.32 5.20
N CYS A 188 2.59 -20.26 4.87
CA CYS A 188 2.51 -19.71 3.52
C CYS A 188 3.21 -20.61 2.49
N ALA A 189 2.92 -20.35 1.22
CA ALA A 189 3.53 -21.06 0.11
C ALA A 189 3.81 -20.08 -1.01
N GLN A 190 4.75 -20.43 -1.87
CA GLN A 190 5.07 -19.62 -3.04
C GLN A 190 4.84 -20.49 -4.29
N VAL A 191 3.96 -20.04 -5.19
CA VAL A 191 3.79 -20.70 -6.49
C VAL A 191 4.49 -19.91 -7.59
N SER A 192 4.71 -20.57 -8.72
CA SER A 192 5.47 -20.02 -9.84
C SER A 192 4.98 -20.62 -11.15
N LYS A 193 5.49 -20.12 -12.27
CA LYS A 193 5.15 -20.69 -13.58
C LYS A 193 5.52 -22.17 -13.65
N GLU A 194 6.66 -22.53 -13.06
CA GLU A 194 7.12 -23.92 -13.03
C GLU A 194 6.24 -24.80 -12.15
N VAL A 195 5.90 -24.32 -10.96
CA VAL A 195 5.06 -25.05 -10.01
C VAL A 195 3.89 -24.14 -9.60
N PRO A 196 2.89 -24.01 -10.49
CA PRO A 196 1.81 -23.05 -10.32
C PRO A 196 0.81 -23.40 -9.23
N LYS A 197 0.74 -24.65 -8.79
CA LYS A 197 -0.24 -25.01 -7.77
C LYS A 197 0.38 -25.81 -6.61
N ARG A 198 -0.23 -25.69 -5.44
CA ARG A 198 0.16 -26.46 -4.27
C ARG A 198 -0.90 -27.51 -4.06
N LYS A 199 -0.55 -28.53 -3.26
CA LYS A 199 -1.42 -29.68 -3.00
C LYS A 199 -1.51 -30.04 -1.53
N LEU A 201 -2.12 -30.27 2.49
CA LEU A 201 -3.23 -30.03 3.41
C LEU A 201 -2.71 -29.16 4.54
N VAL A 202 -2.91 -27.86 4.42
CA VAL A 202 -2.41 -26.90 5.42
C VAL A 202 -3.46 -25.84 5.72
N GLY A 203 -3.54 -25.44 6.99
CA GLY A 203 -4.39 -24.32 7.41
C GLY A 203 -5.01 -24.54 8.78
N THR A 204 -5.93 -23.66 9.15
CA THR A 204 -6.70 -23.82 10.37
C THR A 204 -8.11 -24.24 9.93
N PRO A 205 -8.51 -25.51 10.23
CA PRO A 205 -9.72 -26.17 9.77
C PRO A 205 -10.91 -25.30 9.32
N TYR A 206 -11.46 -24.50 10.22
CA TYR A 206 -12.71 -23.78 9.93
C TYR A 206 -12.60 -22.74 8.80
N TRP A 207 -11.37 -22.32 8.51
CA TRP A 207 -11.10 -21.26 7.54
C TRP A 207 -10.59 -21.78 6.19
N MET A 208 -10.39 -23.09 6.09
CA MET A 208 -9.78 -23.69 4.91
C MET A 208 -10.77 -23.83 3.75
N ALA A 209 -10.27 -23.57 2.54
CA ALA A 209 -11.09 -23.62 1.34
C ALA A 209 -11.44 -25.07 1.01
N PRO A 210 -12.59 -25.29 0.35
CA PRO A 210 -12.99 -26.66 0.04
C PRO A 210 -11.97 -27.44 -0.81
N GLU A 211 -11.38 -26.76 -1.80
CA GLU A 211 -10.41 -27.42 -2.69
C GLU A 211 -9.14 -27.89 -1.98
N VAL A 212 -8.76 -27.19 -0.91
CA VAL A 212 -7.63 -27.60 -0.10
C VAL A 212 -8.02 -28.84 0.71
N ILE A 213 -9.21 -28.82 1.29
CA ILE A 213 -9.73 -29.96 2.05
C ILE A 213 -9.98 -31.17 1.15
N SER A 214 -10.32 -30.91 -0.12
CA SER A 214 -10.49 -31.99 -1.12
C SER A 214 -9.17 -32.51 -1.66
N ARG A 215 -8.06 -31.84 -1.31
CA ARG A 215 -6.73 -32.19 -1.80
C ARG A 215 -6.65 -32.06 -3.32
N LEU A 216 -7.22 -30.98 -3.85
CA LEU A 216 -7.09 -30.67 -5.27
C LEU A 216 -5.97 -29.64 -5.41
N PRO A 217 -5.35 -29.58 -6.59
CA PRO A 217 -4.32 -28.55 -6.81
C PRO A 217 -4.92 -27.15 -6.64
N TYR A 218 -4.25 -26.28 -5.89
CA TYR A 218 -4.81 -24.97 -5.60
C TYR A 218 -3.79 -23.83 -5.71
N GLY A 219 -4.33 -22.63 -5.86
CA GLY A 219 -3.54 -21.41 -5.97
C GLY A 219 -4.00 -20.35 -5.00
N THR A 220 -3.81 -19.09 -5.38
CA THR A 220 -4.08 -17.93 -4.53
C THR A 220 -5.55 -17.79 -4.14
N GLU A 221 -6.44 -18.42 -4.89
CA GLU A 221 -7.87 -18.32 -4.64
C GLU A 221 -8.27 -18.79 -3.23
N VAL A 222 -7.49 -19.68 -2.63
CA VAL A 222 -7.82 -20.20 -1.30
C VAL A 222 -7.86 -19.08 -0.23
N ASP A 223 -7.01 -18.07 -0.39
CA ASP A 223 -7.00 -16.95 0.57
C ASP A 223 -8.30 -16.14 0.49
N ILE A 224 -8.93 -16.10 -0.69
CA ILE A 224 -10.20 -15.36 -0.85
C ILE A 224 -11.33 -16.06 -0.10
N TRP A 225 -11.33 -17.39 -0.12
CA TRP A 225 -12.32 -18.14 0.66
C TRP A 225 -12.10 -17.88 2.15
N SER A 226 -10.86 -18.02 2.60
CA SER A 226 -10.52 -17.85 4.02
C SER A 226 -10.88 -16.43 4.48
N LEU A 227 -10.61 -15.44 3.63
CA LEU A 227 -11.05 -14.07 3.91
C LEU A 227 -12.57 -13.97 4.13
N GLY A 228 -13.33 -14.59 3.25
CA GLY A 228 -14.79 -14.66 3.39
C GLY A 228 -15.21 -15.25 4.73
N ILE A 229 -14.52 -16.29 5.19
CA ILE A 229 -14.82 -16.88 6.49
C ILE A 229 -14.52 -15.88 7.60
N MET A 230 -13.44 -15.12 7.45
CA MET A 230 -13.12 -14.07 8.42
C MET A 230 -14.15 -12.95 8.41
N VAL A 231 -14.75 -12.68 7.25
CA VAL A 231 -15.85 -11.72 7.21
C VAL A 231 -17.04 -12.24 8.03
N ILE A 232 -17.29 -13.54 7.93
CA ILE A 232 -18.35 -14.12 8.74
C ILE A 232 -17.95 -14.03 10.22
N GLU A 233 -16.68 -14.22 10.56
CA GLU A 233 -16.22 -13.94 11.94
C GLU A 233 -16.59 -12.52 12.37
N MET A 234 -16.33 -11.54 11.51
CA MET A 234 -16.56 -10.15 11.87
C MET A 234 -18.06 -9.84 11.98
N ILE A 235 -18.89 -10.63 11.29
CA ILE A 235 -20.34 -10.42 11.34
C ILE A 235 -20.99 -11.17 12.51
N ASP A 236 -20.68 -12.47 12.62
CA ASP A 236 -21.31 -13.35 13.62
C ASP A 236 -20.46 -13.69 14.85
N GLY A 237 -19.18 -13.30 14.82
CA GLY A 237 -18.28 -13.51 15.96
C GLY A 237 -17.42 -14.76 15.93
N GLU A 238 -17.79 -15.70 15.08
CA GLU A 238 -17.10 -16.99 14.94
C GLU A 238 -17.25 -17.46 13.49
N PRO A 239 -16.32 -18.31 13.03
CA PRO A 239 -16.47 -18.84 11.68
C PRO A 239 -17.62 -19.86 11.67
N PRO A 240 -18.13 -20.19 10.47
CA PRO A 240 -19.15 -21.23 10.42
C PRO A 240 -18.68 -22.55 11.06
N TYR A 241 -19.64 -23.27 11.64
CA TYR A 241 -19.43 -24.61 12.20
C TYR A 241 -18.44 -24.64 13.38
N PHE A 242 -18.20 -23.48 14.00
CA PHE A 242 -17.20 -23.37 15.07
C PHE A 242 -17.65 -24.16 16.30
N ASN A 243 -18.96 -24.37 16.39
CA ASN A 243 -19.52 -25.23 17.44
C ASN A 243 -19.30 -26.73 17.22
N GLU A 244 -18.75 -27.12 16.07
CA GLU A 244 -18.49 -28.54 15.77
C GLU A 244 -16.98 -28.85 15.81
N PRO A 245 -16.60 -30.14 15.95
CA PRO A 245 -15.19 -30.53 15.90
C PRO A 245 -14.55 -30.20 14.55
N PRO A 246 -13.25 -29.85 14.55
CA PRO A 246 -12.62 -29.29 13.35
C PRO A 246 -12.72 -30.19 12.13
N LEU A 247 -12.48 -31.49 12.32
CA LEU A 247 -12.54 -32.45 11.22
C LEU A 247 -13.97 -32.62 10.70
N GLN A 248 -14.95 -32.48 11.60
CA GLN A 248 -16.36 -32.49 11.19
C GLN A 248 -16.69 -31.22 10.40
N ALA A 249 -16.23 -30.07 10.89
CA ALA A 249 -16.43 -28.82 10.19
C ALA A 249 -15.83 -28.90 8.79
N MET A 250 -14.64 -29.46 8.69
CA MET A 250 -13.96 -29.62 7.40
C MET A 250 -14.75 -30.47 6.40
N ARG A 251 -15.46 -31.48 6.88
CA ARG A 251 -16.32 -32.30 6.02
C ARG A 251 -17.46 -31.48 5.43
N ARG A 252 -18.02 -30.57 6.23
CA ARG A 252 -19.14 -29.72 5.79
C ARG A 252 -18.68 -28.66 4.81
N ILE A 253 -17.49 -28.13 5.04
CA ILE A 253 -16.92 -27.17 4.11
C ILE A 253 -16.72 -27.84 2.76
N ARG A 254 -16.18 -29.06 2.80
CA ARG A 254 -15.85 -29.77 1.58
C ARG A 254 -17.09 -30.17 0.78
N ASP A 255 -18.18 -30.51 1.47
CA ASP A 255 -19.33 -31.15 0.81
C ASP A 255 -20.61 -30.33 0.73
N SER A 256 -20.73 -29.25 1.51
CA SER A 256 -21.98 -28.52 1.61
C SER A 256 -21.95 -27.26 0.80
N LEU A 257 -23.12 -26.66 0.60
CA LEU A 257 -23.20 -25.35 -0.02
C LEU A 257 -22.46 -24.36 0.86
N PRO A 258 -21.99 -23.24 0.27
CA PRO A 258 -21.22 -22.30 1.06
C PRO A 258 -21.97 -21.83 2.30
N PRO A 259 -21.25 -21.52 3.38
CA PRO A 259 -21.91 -21.12 4.62
C PRO A 259 -22.52 -19.73 4.46
N ARG A 260 -23.61 -19.46 5.18
CA ARG A 260 -24.21 -18.13 5.16
C ARG A 260 -24.19 -17.53 6.57
N VAL A 261 -24.39 -16.22 6.64
CA VAL A 261 -24.49 -15.55 7.93
C VAL A 261 -25.77 -16.01 8.63
N LYS A 262 -25.83 -15.79 9.93
CA LYS A 262 -26.95 -16.26 10.75
C LYS A 262 -28.29 -15.57 10.41
N ASP A 263 -28.22 -14.25 10.23
CA ASP A 263 -29.42 -13.43 10.00
C ASP A 263 -29.25 -12.56 8.76
N LEU A 264 -29.71 -13.09 7.62
CA LEU A 264 -29.50 -12.44 6.33
C LEU A 264 -29.98 -11.01 6.32
N HIS A 265 -31.10 -10.77 7.00
CA HIS A 265 -31.72 -9.46 6.98
C HIS A 265 -30.95 -8.38 7.74
N LYS A 266 -29.95 -8.79 8.55
CA LYS A 266 -29.17 -7.82 9.35
C LYS A 266 -27.82 -7.47 8.71
N VAL A 267 -27.62 -7.88 7.47
CA VAL A 267 -26.42 -7.54 6.73
C VAL A 267 -26.87 -6.84 5.46
N SER A 268 -26.17 -5.77 5.11
CA SER A 268 -26.55 -4.96 3.94
C SER A 268 -26.48 -5.74 2.64
N SER A 269 -27.22 -5.27 1.64
CA SER A 269 -27.19 -5.91 0.33
CA SER A 269 -27.21 -5.91 0.33
C SER A 269 -25.79 -5.91 -0.25
N VAL A 270 -25.08 -4.80 -0.06
CA VAL A 270 -23.71 -4.66 -0.61
C VAL A 270 -22.70 -5.60 0.05
N LEU A 271 -22.81 -5.79 1.36
CA LEU A 271 -21.94 -6.73 2.07
C LEU A 271 -22.30 -8.19 1.76
N ARG A 272 -23.59 -8.49 1.66
CA ARG A 272 -24.03 -9.81 1.20
C ARG A 272 -23.47 -10.14 -0.20
N GLY A 273 -23.50 -9.16 -1.10
CA GLY A 273 -22.95 -9.35 -2.46
C GLY A 273 -21.46 -9.59 -2.48
N PHE A 274 -20.73 -8.84 -1.66
CA PHE A 274 -19.30 -8.98 -1.47
C PHE A 274 -19.00 -10.38 -0.98
N LEU A 275 -19.72 -10.82 0.05
CA LEU A 275 -19.50 -12.14 0.63
C LEU A 275 -19.80 -13.25 -0.38
N ASP A 276 -20.88 -13.07 -1.15
CA ASP A 276 -21.25 -14.03 -2.19
C ASP A 276 -20.18 -14.21 -3.26
N LEU A 277 -19.32 -13.21 -3.47
CA LEU A 277 -18.24 -13.32 -4.48
C LEU A 277 -17.00 -14.07 -3.97
N MET A 278 -16.89 -14.17 -2.65
CA MET A 278 -15.75 -14.81 -2.01
C MET A 278 -16.02 -16.27 -1.64
N LEU A 279 -17.21 -16.53 -1.12
CA LEU A 279 -17.57 -17.87 -0.69
C LEU A 279 -18.21 -18.65 -1.83
N VAL A 280 -17.39 -18.87 -2.85
CA VAL A 280 -17.76 -19.57 -4.09
C VAL A 280 -16.95 -20.85 -4.10
N ARG A 281 -17.61 -21.99 -4.25
CA ARG A 281 -16.96 -23.30 -4.17
C ARG A 281 -15.95 -23.53 -5.30
N GLU A 282 -16.37 -23.26 -6.53
CA GLU A 282 -15.50 -23.42 -7.70
C GLU A 282 -14.46 -22.30 -7.73
N PRO A 283 -13.17 -22.65 -7.53
CA PRO A 283 -12.12 -21.62 -7.49
C PRO A 283 -12.05 -20.72 -8.72
N SER A 284 -12.32 -21.25 -9.91
CA SER A 284 -12.25 -20.44 -11.13
C SER A 284 -13.33 -19.36 -11.21
N GLN A 285 -14.40 -19.52 -10.43
CA GLN A 285 -15.52 -18.55 -10.37
C GLN A 285 -15.46 -17.64 -9.16
N ARG A 286 -14.46 -17.84 -8.30
CA ARG A 286 -14.31 -17.04 -7.11
C ARG A 286 -13.63 -15.72 -7.49
N ALA A 287 -14.04 -14.65 -6.85
CA ALA A 287 -13.45 -13.34 -7.10
C ALA A 287 -11.97 -13.37 -6.72
N THR A 288 -11.17 -12.59 -7.46
CA THR A 288 -9.77 -12.38 -7.14
C THR A 288 -9.65 -11.15 -6.25
N ALA A 289 -8.53 -10.98 -5.57
CA ALA A 289 -8.31 -9.79 -4.75
C ALA A 289 -8.43 -8.53 -5.60
N GLN A 290 -7.83 -8.58 -6.79
CA GLN A 290 -7.95 -7.45 -7.74
C GLN A 290 -9.41 -7.07 -8.01
N GLU A 291 -10.25 -8.06 -8.29
CA GLU A 291 -11.65 -7.80 -8.56
C GLU A 291 -12.39 -7.25 -7.35
N LEU A 292 -12.11 -7.80 -6.18
CA LEU A 292 -12.77 -7.37 -4.94
C LEU A 292 -12.43 -5.95 -4.51
N LEU A 293 -11.21 -5.50 -4.82
CA LEU A 293 -10.82 -4.12 -4.54
C LEU A 293 -11.75 -3.07 -5.19
N GLY A 294 -12.36 -3.42 -6.32
CA GLY A 294 -13.31 -2.54 -7.02
C GLY A 294 -14.77 -2.69 -6.59
N HIS A 295 -15.03 -3.57 -5.61
CA HIS A 295 -16.40 -3.81 -5.14
C HIS A 295 -16.96 -2.61 -4.38
N PRO A 296 -18.25 -2.28 -4.60
CA PRO A 296 -18.85 -1.15 -3.86
C PRO A 296 -18.76 -1.23 -2.35
N PHE A 297 -18.79 -2.43 -1.78
CA PHE A 297 -18.67 -2.56 -0.33
C PHE A 297 -17.43 -1.83 0.21
N LEU A 298 -16.30 -1.88 -0.51
CA LEU A 298 -15.09 -1.30 0.03
C LEU A 298 -15.07 0.22 -0.02
N LYS A 299 -16.00 0.83 -0.77
CA LYS A 299 -16.17 2.29 -0.70
C LYS A 299 -16.69 2.74 0.68
N LEU A 300 -17.15 1.78 1.48
CA LEU A 300 -17.49 2.03 2.88
C LEU A 300 -16.32 2.09 3.86
N ALA A 301 -15.12 1.74 3.41
CA ALA A 301 -13.93 1.72 4.27
C ALA A 301 -13.64 3.11 4.82
N GLY A 302 -13.15 3.15 6.06
CA GLY A 302 -12.83 4.40 6.73
C GLY A 302 -11.36 4.50 7.07
N PRO A 303 -11.00 5.60 7.76
CA PRO A 303 -9.63 5.79 8.19
C PRO A 303 -9.32 4.94 9.43
N PRO A 304 -8.02 4.83 9.78
CA PRO A 304 -7.61 4.09 10.97
C PRO A 304 -8.35 4.51 12.25
N SER A 305 -8.68 5.80 12.36
CA SER A 305 -9.45 6.32 13.47
C SER A 305 -10.80 5.64 13.70
N CYS A 306 -11.40 5.03 12.66
CA CYS A 306 -12.67 4.34 12.84
C CYS A 306 -12.49 2.97 13.54
N ILE A 307 -11.27 2.44 13.54
CA ILE A 307 -10.96 1.15 14.18
C ILE A 307 -10.65 1.30 15.66
N VAL A 308 -10.03 2.42 16.03
CA VAL A 308 -9.55 2.67 17.38
C VAL A 308 -10.58 2.43 18.49
N PRO A 309 -11.84 2.88 18.32
CA PRO A 309 -12.84 2.64 19.38
C PRO A 309 -13.14 1.17 19.67
N LEU A 310 -12.78 0.25 18.78
CA LEU A 310 -12.97 -1.18 18.99
C LEU A 310 -11.94 -1.78 19.94
N MET A 311 -10.79 -1.12 20.05
CA MET A 311 -9.62 -1.73 20.67
C MET A 311 -9.76 -1.75 22.20
N ARG A 312 -9.28 -2.84 22.82
CA ARG A 312 -9.51 -3.11 24.25
C ARG A 312 -9.18 -1.94 25.18
N GLN A 313 -8.07 -1.25 24.90
CA GLN A 313 -7.67 -0.08 25.68
C GLN A 313 -8.55 1.15 25.43
N LEU B 17 10.44 10.00 -52.32
CA LEU B 17 9.61 10.42 -51.13
C LEU B 17 10.45 10.26 -49.86
N TYR B 18 10.76 11.38 -49.22
CA TYR B 18 11.56 11.38 -47.99
C TYR B 18 10.77 10.73 -46.87
N PHE B 19 11.36 9.74 -46.20
CA PHE B 19 10.67 9.06 -45.11
C PHE B 19 10.56 9.96 -43.88
N GLN B 20 9.34 10.05 -43.35
CA GLN B 20 9.08 10.68 -42.08
C GLN B 20 8.41 9.68 -41.15
N SER B 21 8.89 9.63 -39.92
CA SER B 21 8.43 8.64 -38.94
C SER B 21 7.00 8.85 -38.47
N MET B 22 6.59 10.12 -38.34
CA MET B 22 5.22 10.46 -37.92
C MET B 22 4.78 9.66 -36.66
N SER B 23 5.30 10.07 -35.51
CA SER B 23 5.09 9.35 -34.25
C SER B 23 3.83 9.75 -33.45
N ARG B 24 2.92 10.51 -34.06
CA ARG B 24 1.63 10.81 -33.42
C ARG B 24 0.80 9.54 -33.38
N VAL B 25 0.08 9.35 -32.29
CA VAL B 25 -0.82 8.22 -32.15
C VAL B 25 -2.17 8.59 -32.76
N SER B 26 -2.73 7.73 -33.62
CA SER B 26 -4.06 8.01 -34.19
C SER B 26 -5.19 7.80 -33.19
N HIS B 27 -6.34 8.43 -33.45
CA HIS B 27 -7.52 8.24 -32.59
C HIS B 27 -7.89 6.77 -32.47
N GLU B 28 -7.92 6.07 -33.60
CA GLU B 28 -8.25 4.64 -33.60
C GLU B 28 -7.23 3.77 -32.81
N GLN B 29 -5.93 4.04 -32.98
CA GLN B 29 -4.92 3.30 -32.21
C GLN B 29 -5.09 3.55 -30.71
N PHE B 30 -5.37 4.79 -30.33
CA PHE B 30 -5.55 5.11 -28.92
C PHE B 30 -6.80 4.39 -28.38
N ARG B 31 -7.89 4.47 -29.13
CA ARG B 31 -9.14 3.82 -28.71
C ARG B 31 -8.95 2.31 -28.50
N ALA B 32 -8.33 1.65 -29.46
CA ALA B 32 -8.05 0.21 -29.36
C ALA B 32 -7.24 -0.12 -28.11
N ALA B 33 -6.23 0.69 -27.83
CA ALA B 33 -5.42 0.48 -26.63
C ALA B 33 -6.24 0.63 -25.34
N LEU B 34 -7.08 1.67 -25.29
CA LEU B 34 -7.95 1.92 -24.14
C LEU B 34 -8.88 0.72 -23.90
N GLN B 35 -9.37 0.14 -24.98
CA GLN B 35 -10.31 -0.97 -24.88
C GLN B 35 -9.69 -2.23 -24.27
N LEU B 36 -8.37 -2.33 -24.28
CA LEU B 36 -7.67 -3.44 -23.59
C LEU B 36 -7.55 -3.24 -22.07
N VAL B 37 -7.87 -2.03 -21.61
CA VAL B 37 -7.61 -1.61 -20.23
C VAL B 37 -8.86 -1.29 -19.43
N VAL B 38 -9.80 -0.60 -20.04
CA VAL B 38 -11.02 -0.20 -19.34
C VAL B 38 -11.95 -1.37 -18.95
N SER B 39 -12.76 -1.13 -17.93
CA SER B 39 -13.84 -2.05 -17.56
C SER B 39 -15.00 -1.99 -18.52
N PRO B 40 -15.77 -3.11 -18.63
CA PRO B 40 -16.89 -3.17 -19.57
C PRO B 40 -18.21 -2.48 -19.18
N GLY B 41 -18.42 -2.21 -17.91
CA GLY B 41 -19.70 -1.63 -17.48
C GLY B 41 -20.02 -0.24 -18.04
N ASP B 42 -21.23 0.23 -17.80
CA ASP B 42 -21.57 1.63 -18.06
C ASP B 42 -21.63 2.28 -16.69
N PRO B 43 -20.67 3.14 -16.38
CA PRO B 43 -20.66 3.65 -15.00
C PRO B 43 -21.84 4.58 -14.69
N ARG B 44 -22.53 5.04 -15.73
CA ARG B 44 -23.71 5.90 -15.54
C ARG B 44 -24.84 5.12 -14.91
N GLU B 45 -24.77 3.78 -14.97
CA GLU B 45 -25.74 2.92 -14.29
C GLU B 45 -25.59 2.90 -12.77
N TYR B 46 -24.42 3.28 -12.25
CA TYR B 46 -24.21 3.28 -10.79
C TYR B 46 -23.75 4.61 -10.21
N LEU B 47 -23.69 5.64 -11.06
CA LEU B 47 -23.32 6.97 -10.61
C LEU B 47 -24.40 7.98 -11.01
N ALA B 48 -24.71 8.91 -10.10
CA ALA B 48 -25.75 9.91 -10.32
C ALA B 48 -25.37 11.23 -9.67
N ASN B 49 -26.12 12.27 -10.01
CA ASN B 49 -25.94 13.61 -9.45
C ASN B 49 -24.52 14.14 -9.66
N PHE B 50 -24.08 14.16 -10.91
CA PHE B 50 -22.74 14.66 -11.24
C PHE B 50 -22.65 16.16 -10.99
N ILE B 51 -21.57 16.60 -10.37
CA ILE B 51 -21.29 18.01 -10.14
C ILE B 51 -19.86 18.27 -10.58
N LYS B 52 -19.66 19.16 -11.53
CA LYS B 52 -18.30 19.52 -11.95
C LYS B 52 -17.69 20.37 -10.84
N ILE B 53 -16.48 20.03 -10.40
CA ILE B 53 -15.80 20.79 -9.35
C ILE B 53 -14.49 21.46 -9.82
N GLY B 54 -14.01 21.08 -10.99
CA GLY B 54 -12.84 21.71 -11.57
C GLY B 54 -12.31 20.98 -12.78
N GLU B 55 -11.11 21.36 -13.19
CA GLU B 55 -10.43 20.78 -14.35
C GLU B 55 -8.90 20.89 -14.19
N GLY B 56 -8.21 19.82 -14.54
CA GLY B 56 -6.75 19.79 -14.54
C GLY B 56 -6.28 19.14 -15.81
N SER B 57 -4.97 18.94 -15.94
CA SER B 57 -4.43 18.41 -17.17
C SER B 57 -5.00 17.03 -17.50
N THR B 58 -5.36 16.23 -16.48
CA THR B 58 -5.89 14.87 -16.71
C THR B 58 -7.43 14.81 -16.80
N GLY B 59 -8.07 15.96 -16.94
CA GLY B 59 -9.48 16.01 -17.23
C GLY B 59 -10.31 16.87 -16.31
N ILE B 60 -11.57 16.99 -16.71
CA ILE B 60 -12.60 17.60 -15.89
C ILE B 60 -12.83 16.67 -14.72
N VAL B 61 -13.00 17.25 -13.53
CA VAL B 61 -13.25 16.45 -12.31
C VAL B 61 -14.68 16.72 -11.87
N CYS B 62 -15.49 15.66 -11.80
CA CYS B 62 -16.84 15.74 -11.31
C CYS B 62 -16.98 14.90 -10.06
N ILE B 63 -17.90 15.27 -9.20
CA ILE B 63 -18.25 14.36 -8.13
C ILE B 63 -19.59 13.74 -8.48
N ALA B 64 -19.79 12.52 -8.01
CA ALA B 64 -21.05 11.80 -8.22
C ALA B 64 -21.31 10.88 -7.03
N THR B 65 -22.55 10.41 -6.92
CA THR B 65 -22.96 9.57 -5.80
C THR B 65 -23.06 8.14 -6.30
N GLU B 66 -22.45 7.22 -5.55
CA GLU B 66 -22.41 5.83 -5.95
C GLU B 66 -23.70 5.16 -5.45
N LYS B 67 -24.32 4.38 -6.33
CA LYS B 67 -25.70 3.93 -6.13
C LYS B 67 -25.87 3.06 -4.90
N HIS B 68 -24.92 2.15 -4.70
CA HIS B 68 -25.11 1.10 -3.72
C HIS B 68 -24.82 1.54 -2.31
N THR B 69 -23.89 2.47 -2.17
CA THR B 69 -23.45 2.93 -0.87
C THR B 69 -23.89 4.35 -0.52
N GLY B 70 -24.20 5.15 -1.53
CA GLY B 70 -24.48 6.56 -1.31
C GLY B 70 -23.23 7.39 -1.06
N LYS B 71 -22.04 6.80 -1.23
CA LYS B 71 -20.79 7.54 -1.06
C LYS B 71 -20.55 8.42 -2.27
N GLN B 72 -19.94 9.58 -2.05
CA GLN B 72 -19.49 10.42 -3.16
C GLN B 72 -18.15 9.90 -3.66
N VAL B 73 -18.00 9.85 -4.98
CA VAL B 73 -16.72 9.55 -5.62
C VAL B 73 -16.39 10.66 -6.61
N ALA B 74 -15.14 10.70 -7.09
CA ALA B 74 -14.74 11.68 -8.07
C ALA B 74 -14.60 10.95 -9.41
N VAL B 75 -14.94 11.64 -10.48
CA VAL B 75 -14.76 11.08 -11.83
C VAL B 75 -13.97 12.08 -12.67
N LYS B 76 -12.80 11.67 -13.16
CA LYS B 76 -12.04 12.44 -14.15
C LYS B 76 -12.59 12.05 -15.50
N LYS B 77 -12.91 13.05 -16.32
CA LYS B 77 -13.45 12.82 -17.67
C LYS B 77 -12.59 13.53 -18.71
N MET B 78 -12.22 12.79 -19.77
CA MET B 78 -11.37 13.32 -20.79
C MET B 78 -11.97 13.10 -22.16
N ASP B 79 -12.28 14.18 -22.86
CA ASP B 79 -12.62 14.14 -24.27
C ASP B 79 -11.45 13.59 -25.06
N LEU B 80 -11.68 12.52 -25.83
CA LEU B 80 -10.58 11.86 -26.54
C LEU B 80 -10.09 12.66 -27.74
N ARG B 81 -10.77 13.76 -28.06
CA ARG B 81 -10.22 14.74 -29.00
C ARG B 81 -8.90 15.33 -28.49
N LYS B 82 -8.72 15.37 -27.18
CA LYS B 82 -7.59 16.06 -26.58
C LYS B 82 -6.43 15.10 -26.47
N GLN B 83 -5.63 15.00 -27.53
CA GLN B 83 -4.62 13.93 -27.59
C GLN B 83 -3.50 14.01 -26.56
N GLN B 84 -2.97 15.21 -26.31
CA GLN B 84 -1.90 15.33 -25.33
C GLN B 84 -2.39 14.91 -23.94
N ARG B 85 -3.56 15.41 -23.57
CA ARG B 85 -4.06 15.21 -22.22
C ARG B 85 -4.64 13.83 -22.01
N ARG B 86 -5.21 13.21 -23.05
CA ARG B 86 -5.74 11.84 -22.90
C ARG B 86 -4.60 10.87 -22.57
N GLU B 87 -3.42 11.13 -23.10
CA GLU B 87 -2.26 10.29 -22.82
C GLU B 87 -1.84 10.38 -21.35
N LEU B 88 -2.01 11.53 -20.72
CA LEU B 88 -1.68 11.70 -19.31
C LEU B 88 -2.64 10.87 -18.45
N LEU B 89 -3.94 11.03 -18.70
CA LEU B 89 -4.91 10.27 -17.92
C LEU B 89 -4.74 8.77 -18.14
N PHE B 90 -4.56 8.34 -19.38
CA PHE B 90 -4.36 6.93 -19.67
C PHE B 90 -3.08 6.37 -18.99
N ASN B 91 -2.02 7.17 -18.94
CA ASN B 91 -0.80 6.80 -18.23
C ASN B 91 -1.07 6.55 -16.75
N GLU B 92 -1.86 7.43 -16.11
CA GLU B 92 -2.25 7.23 -14.73
C GLU B 92 -2.99 5.89 -14.56
N VAL B 93 -3.92 5.60 -15.47
CA VAL B 93 -4.68 4.35 -15.41
C VAL B 93 -3.74 3.14 -15.57
N VAL B 94 -2.96 3.14 -16.64
CA VAL B 94 -2.14 1.98 -16.95
C VAL B 94 -1.12 1.66 -15.84
N ILE B 95 -0.47 2.69 -15.29
CA ILE B 95 0.59 2.45 -14.32
C ILE B 95 0.01 2.16 -12.93
N MET B 96 -1.04 2.89 -12.54
CA MET B 96 -1.47 2.93 -11.16
C MET B 96 -2.66 2.03 -10.81
N ARG B 97 -3.24 1.38 -11.81
CA ARG B 97 -4.47 0.62 -11.60
C ARG B 97 -4.36 -0.42 -10.49
N ASP B 98 -3.18 -1.05 -10.33
CA ASP B 98 -3.02 -2.12 -9.32
C ASP B 98 -2.08 -1.76 -8.17
N TYR B 99 -1.81 -0.46 -8.00
CA TYR B 99 -1.11 0.02 -6.83
C TYR B 99 -2.08 0.79 -5.92
N HIS B 100 -1.97 0.52 -4.62
CA HIS B 100 -2.90 1.04 -3.64
C HIS B 100 -2.15 1.31 -2.33
N HIS B 101 -2.46 2.43 -1.69
CA HIS B 101 -1.77 2.83 -0.47
C HIS B 101 -2.61 3.87 0.27
N ASP B 102 -2.51 3.87 1.61
CA ASP B 102 -3.26 4.81 2.44
C ASP B 102 -3.02 6.28 2.06
N ASN B 103 -1.83 6.57 1.57
CA ASN B 103 -1.44 7.96 1.19
C ASN B 103 -1.32 8.20 -0.32
N VAL B 104 -2.04 7.38 -1.07
CA VAL B 104 -2.21 7.53 -2.50
C VAL B 104 -3.70 7.54 -2.80
N VAL B 105 -4.14 8.53 -3.56
CA VAL B 105 -5.56 8.66 -3.90
C VAL B 105 -6.05 7.33 -4.55
N ASP B 106 -7.18 6.83 -4.08
CA ASP B 106 -7.71 5.52 -4.49
C ASP B 106 -8.26 5.66 -5.93
N MET B 107 -7.81 4.82 -6.85
CA MET B 107 -8.41 4.75 -8.18
C MET B 107 -9.19 3.46 -8.30
N TYR B 108 -10.47 3.56 -8.68
CA TYR B 108 -11.35 2.39 -8.68
C TYR B 108 -11.46 1.63 -9.96
N SER B 109 -11.80 2.35 -11.03
CA SER B 109 -12.17 1.74 -12.30
CA SER B 109 -12.12 1.73 -12.30
C SER B 109 -12.11 2.81 -13.41
N SER B 110 -11.95 2.37 -14.65
CA SER B 110 -11.93 3.26 -15.82
C SER B 110 -12.87 2.71 -16.85
N TYR B 111 -13.43 3.61 -17.69
CA TYR B 111 -14.47 3.26 -18.66
C TYR B 111 -14.33 4.11 -19.89
N LEU B 112 -14.75 3.56 -21.03
CA LEU B 112 -14.91 4.32 -22.25
C LEU B 112 -16.38 4.62 -22.40
N VAL B 113 -16.73 5.90 -22.28
CA VAL B 113 -18.12 6.37 -22.34
C VAL B 113 -18.25 7.27 -23.56
N GLY B 114 -18.71 6.68 -24.66
CA GLY B 114 -18.78 7.39 -25.93
C GLY B 114 -17.41 7.81 -26.42
N ASP B 115 -17.18 9.11 -26.45
CA ASP B 115 -15.92 9.73 -26.87
C ASP B 115 -15.10 10.25 -25.70
N GLU B 116 -15.39 9.77 -24.49
CA GLU B 116 -14.66 10.20 -23.31
C GLU B 116 -14.10 9.01 -22.56
N LEU B 117 -12.94 9.21 -21.93
CA LEU B 117 -12.36 8.27 -20.97
C LEU B 117 -12.80 8.78 -19.61
N TRP B 118 -13.44 7.92 -18.82
CA TRP B 118 -13.81 8.25 -17.45
C TRP B 118 -12.98 7.42 -16.48
N VAL B 119 -12.48 8.04 -15.42
CA VAL B 119 -11.76 7.31 -14.38
C VAL B 119 -12.37 7.65 -13.04
N VAL B 120 -12.87 6.63 -12.35
CA VAL B 120 -13.57 6.80 -11.06
C VAL B 120 -12.58 6.67 -9.95
N MET B 121 -12.57 7.65 -9.06
CA MET B 121 -11.58 7.75 -8.02
C MET B 121 -12.19 8.21 -6.71
N GLU B 122 -11.42 8.08 -5.64
CA GLU B 122 -11.76 8.60 -4.33
C GLU B 122 -11.96 10.10 -4.45
N PHE B 123 -12.97 10.62 -3.76
CA PHE B 123 -13.16 12.07 -3.67
C PHE B 123 -12.52 12.58 -2.38
N LEU B 124 -11.54 13.45 -2.52
CA LEU B 124 -10.86 14.06 -1.38
C LEU B 124 -11.39 15.48 -1.19
N GLU B 125 -12.15 15.67 -0.12
CA GLU B 125 -12.96 16.86 0.03
C GLU B 125 -12.20 18.08 0.55
N GLY B 126 -11.01 17.87 1.11
CA GLY B 126 -10.20 18.95 1.71
C GLY B 126 -9.37 19.76 0.71
N GLY B 127 -9.42 19.39 -0.56
CA GLY B 127 -8.76 20.14 -1.61
C GLY B 127 -7.27 19.89 -1.68
N ALA B 128 -6.54 20.80 -2.34
CA ALA B 128 -5.13 20.60 -2.63
C ALA B 128 -4.27 21.35 -1.61
N LEU B 129 -3.07 20.86 -1.40
CA LEU B 129 -2.13 21.48 -0.47
C LEU B 129 -1.77 22.89 -0.92
N THR B 130 -1.81 23.11 -2.23
CA THR B 130 -1.52 24.44 -2.78
C THR B 130 -2.35 25.52 -2.14
N ASP B 131 -3.63 25.23 -1.90
CA ASP B 131 -4.55 26.19 -1.34
CA ASP B 131 -4.55 26.20 -1.34
C ASP B 131 -4.14 26.63 0.07
N ILE B 132 -3.46 25.73 0.79
CA ILE B 132 -2.91 26.02 2.11
C ILE B 132 -1.59 26.81 1.99
N VAL B 133 -0.66 26.32 1.17
CA VAL B 133 0.69 26.88 1.17
C VAL B 133 0.68 28.32 0.66
N THR B 134 -0.28 28.66 -0.19
CA THR B 134 -0.45 30.05 -0.69
C THR B 134 -1.33 30.93 0.20
N HIS B 135 -1.80 30.35 1.29
CA HIS B 135 -2.59 31.08 2.25
C HIS B 135 -1.82 31.43 3.51
N THR B 136 -0.98 30.50 3.97
CA THR B 136 -0.29 30.65 5.24
C THR B 136 0.98 29.80 5.29
N ARG B 137 1.84 30.06 6.26
CA ARG B 137 3.00 29.19 6.47
C ARG B 137 2.60 28.17 7.53
N MET B 138 2.55 26.93 7.13
CA MET B 138 2.27 25.82 8.03
C MET B 138 3.33 25.73 9.15
N ASN B 139 2.94 25.24 10.32
CA ASN B 139 3.90 25.02 11.39
C ASN B 139 4.64 23.71 11.13
N GLU B 140 5.69 23.43 11.90
CA GLU B 140 6.51 22.24 11.58
C GLU B 140 5.82 20.92 11.92
N GLU B 141 4.93 20.90 12.90
CA GLU B 141 4.09 19.69 13.12
C GLU B 141 3.34 19.36 11.83
N GLN B 142 2.71 20.39 11.25
CA GLN B 142 1.91 20.22 10.02
C GLN B 142 2.79 19.84 8.82
N ILE B 143 3.94 20.50 8.69
CA ILE B 143 4.92 20.13 7.66
C ILE B 143 5.41 18.69 7.81
N ALA B 144 5.76 18.29 9.03
CA ALA B 144 6.15 16.89 9.29
C ALA B 144 5.07 15.88 8.94
N THR B 145 3.82 16.24 9.22
CA THR B 145 2.69 15.36 8.94
C THR B 145 2.51 15.15 7.42
N VAL B 146 2.62 16.24 6.66
CA VAL B 146 2.60 16.12 5.20
C VAL B 146 3.79 15.29 4.70
N CYS B 147 4.99 15.59 5.19
CA CYS B 147 6.19 14.86 4.74
C CYS B 147 6.13 13.36 5.07
N LEU B 148 5.63 13.01 6.26
CA LEU B 148 5.53 11.60 6.65
C LEU B 148 4.56 10.89 5.70
N SER B 149 3.45 11.54 5.41
CA SER B 149 2.44 10.96 4.54
C SER B 149 3.01 10.72 3.15
N VAL B 150 3.64 11.74 2.59
CA VAL B 150 4.16 11.62 1.22
C VAL B 150 5.28 10.57 1.17
N LEU B 151 6.15 10.58 2.18
CA LEU B 151 7.26 9.59 2.23
C LEU B 151 6.81 8.14 2.39
N ARG B 152 5.69 7.92 3.10
CA ARG B 152 5.12 6.58 3.16
C ARG B 152 4.67 6.13 1.78
N ALA B 153 3.98 7.05 1.06
CA ALA B 153 3.53 6.79 -0.31
C ALA B 153 4.74 6.53 -1.20
N LEU B 154 5.75 7.38 -1.12
CA LEU B 154 6.93 7.24 -1.99
C LEU B 154 7.73 5.96 -1.70
N SER B 155 7.85 5.59 -0.43
CA SER B 155 8.56 4.37 -0.09
C SER B 155 7.89 3.17 -0.76
N TYR B 156 6.57 3.12 -0.67
CA TYR B 156 5.80 2.06 -1.33
C TYR B 156 5.96 2.09 -2.84
N LEU B 157 5.75 3.25 -3.44
CA LEU B 157 5.80 3.37 -4.88
C LEU B 157 7.18 3.07 -5.43
N HIS B 158 8.22 3.62 -4.79
CA HIS B 158 9.59 3.40 -5.23
C HIS B 158 9.94 1.92 -5.14
N ASN B 159 9.46 1.24 -4.11
CA ASN B 159 9.68 -0.21 -3.99
C ASN B 159 9.04 -1.00 -5.12
N GLN B 160 7.96 -0.47 -5.70
CA GLN B 160 7.26 -1.09 -6.85
C GLN B 160 7.82 -0.65 -8.21
N GLY B 161 8.80 0.25 -8.18
CA GLY B 161 9.41 0.81 -9.38
C GLY B 161 8.66 1.96 -10.02
N VAL B 162 7.78 2.61 -9.28
CA VAL B 162 7.07 3.78 -9.78
C VAL B 162 7.79 5.07 -9.37
N ILE B 163 8.02 5.92 -10.35
CA ILE B 163 8.51 7.28 -10.14
C ILE B 163 7.35 8.24 -10.43
N HIS B 164 7.02 9.10 -9.47
CA HIS B 164 5.89 9.98 -9.63
C HIS B 164 6.18 11.06 -10.68
N ARG B 165 7.33 11.72 -10.50
CA ARG B 165 7.87 12.75 -11.40
C ARG B 165 7.16 14.10 -11.39
N ASP B 166 6.13 14.28 -10.57
CA ASP B 166 5.47 15.59 -10.50
C ASP B 166 5.03 15.91 -9.09
N ILE B 167 5.94 15.67 -8.15
CA ILE B 167 5.73 16.05 -6.75
C ILE B 167 5.81 17.56 -6.61
N LYS B 168 4.75 18.13 -6.06
CA LYS B 168 4.60 19.56 -5.81
C LYS B 168 3.29 19.72 -5.04
N SER B 169 3.03 20.88 -4.43
CA SER B 169 1.83 21.04 -3.59
C SER B 169 0.53 20.71 -4.34
N ASP B 170 0.48 20.98 -5.66
CA ASP B 170 -0.73 20.76 -6.44
C ASP B 170 -1.10 19.29 -6.52
N SER B 171 -0.11 18.42 -6.38
CA SER B 171 -0.30 16.96 -6.45
C SER B 171 -0.66 16.32 -5.12
N ILE B 172 -0.83 17.13 -4.06
CA ILE B 172 -1.16 16.61 -2.74
C ILE B 172 -2.59 17.02 -2.40
N LEU B 173 -3.43 16.04 -2.13
CA LEU B 173 -4.83 16.25 -1.77
C LEU B 173 -5.12 15.85 -0.33
N LEU B 174 -6.14 16.48 0.25
CA LEU B 174 -6.48 16.29 1.66
C LEU B 174 -7.89 15.74 1.78
N THR B 175 -8.08 14.84 2.73
CA THR B 175 -9.41 14.32 3.05
C THR B 175 -10.03 15.26 4.07
N SER B 176 -11.34 15.12 4.27
CA SER B 176 -12.04 16.01 5.19
C SER B 176 -11.51 15.92 6.62
N ASP B 177 -11.03 14.75 7.00
CA ASP B 177 -10.53 14.54 8.35
C ASP B 177 -9.06 14.89 8.54
N GLY B 178 -8.38 15.30 7.46
CA GLY B 178 -7.02 15.85 7.55
C GLY B 178 -5.92 14.89 7.12
N ARG B 179 -6.29 13.79 6.44
CA ARG B 179 -5.28 12.90 5.88
C ARG B 179 -4.77 13.42 4.54
N ILE B 180 -3.57 13.00 4.21
CA ILE B 180 -2.80 13.55 3.10
C ILE B 180 -2.52 12.46 2.10
N LYS B 181 -2.86 12.69 0.83
CA LYS B 181 -2.66 11.66 -0.18
C LYS B 181 -2.02 12.24 -1.44
N LEU B 182 -1.14 11.46 -2.05
CA LEU B 182 -0.52 11.78 -3.32
C LEU B 182 -1.48 11.51 -4.46
N SER B 183 -1.58 12.49 -5.37
CA SER B 183 -2.44 12.39 -6.54
CA SER B 183 -2.45 12.40 -6.54
C SER B 183 -1.68 12.75 -7.83
N ASP B 184 -2.41 12.82 -8.94
CA ASP B 184 -1.88 13.35 -10.21
C ASP B 184 -0.63 12.61 -10.73
N PHE B 185 -0.91 11.38 -11.15
CA PHE B 185 0.11 10.47 -11.65
C PHE B 185 0.24 10.50 -13.18
N GLY B 186 -0.26 11.56 -13.81
CA GLY B 186 -0.16 11.69 -15.26
C GLY B 186 1.23 11.60 -15.84
N PHE B 187 2.22 12.06 -15.09
CA PHE B 187 3.61 12.02 -15.51
C PHE B 187 4.40 10.81 -14.97
N CYS B 188 3.77 9.89 -14.25
CA CYS B 188 4.52 8.84 -13.58
C CYS B 188 5.13 7.84 -14.57
N ALA B 189 6.17 7.15 -14.10
CA ALA B 189 6.86 6.11 -14.87
C ALA B 189 6.98 4.82 -14.07
N GLN B 190 6.96 3.70 -14.79
CA GLN B 190 7.26 2.38 -14.23
C GLN B 190 8.59 1.95 -14.77
N VAL B 191 9.56 1.77 -13.88
CA VAL B 191 10.85 1.18 -14.27
C VAL B 191 10.87 -0.33 -14.02
N SER B 192 11.84 -1.01 -14.62
CA SER B 192 11.92 -2.46 -14.61
C SER B 192 13.38 -2.87 -14.47
N LYS B 193 13.64 -4.14 -14.19
CA LYS B 193 15.04 -4.61 -14.17
C LYS B 193 15.67 -4.43 -15.54
N GLU B 194 14.86 -4.54 -16.59
CA GLU B 194 15.36 -4.44 -17.96
C GLU B 194 15.58 -2.98 -18.37
N VAL B 195 14.76 -2.08 -17.85
CA VAL B 195 14.91 -0.65 -18.09
C VAL B 195 14.73 0.09 -16.76
N PRO B 196 15.79 0.09 -15.93
CA PRO B 196 15.74 0.65 -14.59
C PRO B 196 15.75 2.18 -14.49
N LYS B 197 16.04 2.87 -15.60
CA LYS B 197 16.17 4.32 -15.57
C LYS B 197 15.34 4.96 -16.67
N ARG B 198 14.94 6.21 -16.46
CA ARG B 198 14.29 7.01 -17.49
C ARG B 198 15.22 8.13 -17.93
N LYS B 199 14.99 8.66 -19.13
CA LYS B 199 15.73 9.81 -19.63
C LYS B 199 14.80 10.99 -20.04
N LEU B 201 12.43 14.23 -20.42
CA LEU B 201 12.30 15.53 -19.78
C LEU B 201 10.84 15.70 -19.38
N VAL B 202 10.53 15.35 -18.13
CA VAL B 202 9.16 15.36 -17.64
CA VAL B 202 9.17 15.33 -17.62
C VAL B 202 9.12 15.89 -16.20
N GLY B 203 8.10 16.68 -15.91
CA GLY B 203 7.91 17.30 -14.61
C GLY B 203 7.39 18.70 -14.75
N THR B 204 7.40 19.43 -13.63
CA THR B 204 7.02 20.85 -13.60
C THR B 204 8.30 21.62 -13.29
N PRO B 205 8.72 22.53 -14.21
CA PRO B 205 10.04 23.14 -14.21
C PRO B 205 10.67 23.40 -12.84
N TYR B 206 10.00 24.19 -11.99
CA TYR B 206 10.63 24.66 -10.72
C TYR B 206 10.90 23.52 -9.74
N TRP B 207 10.19 22.40 -9.90
CA TRP B 207 10.33 21.25 -8.99
C TRP B 207 11.21 20.12 -9.53
N MET B 208 11.72 20.27 -10.75
CA MET B 208 12.42 19.17 -11.41
C MET B 208 13.84 19.01 -10.91
N ALA B 209 14.25 17.74 -10.76
CA ALA B 209 15.60 17.42 -10.32
C ALA B 209 16.66 17.77 -11.36
N PRO B 210 17.85 18.20 -10.90
CA PRO B 210 18.89 18.60 -11.85
C PRO B 210 19.23 17.49 -12.87
N GLU B 211 19.21 16.23 -12.46
CA GLU B 211 19.59 15.16 -13.38
C GLU B 211 18.55 14.97 -14.49
N VAL B 212 17.29 15.32 -14.22
CA VAL B 212 16.22 15.25 -15.23
C VAL B 212 16.47 16.37 -16.23
N ILE B 213 16.76 17.55 -15.72
CA ILE B 213 17.00 18.71 -16.59
C ILE B 213 18.25 18.46 -17.44
N SER B 214 19.26 17.83 -16.83
CA SER B 214 20.51 17.44 -17.53
C SER B 214 20.33 16.31 -18.55
N ARG B 215 19.13 15.72 -18.60
CA ARG B 215 18.81 14.59 -19.49
CA ARG B 215 18.83 14.61 -19.52
C ARG B 215 19.77 13.41 -19.28
N LEU B 216 20.10 13.15 -18.02
CA LEU B 216 20.90 12.00 -17.64
C LEU B 216 19.95 10.90 -17.20
N PRO B 217 20.35 9.64 -17.37
CA PRO B 217 19.47 8.57 -16.85
C PRO B 217 19.20 8.75 -15.37
N TYR B 218 17.92 8.63 -14.99
CA TYR B 218 17.53 8.90 -13.61
C TYR B 218 16.52 7.87 -13.10
N GLY B 219 16.33 7.88 -11.78
CA GLY B 219 15.49 6.89 -11.15
C GLY B 219 14.64 7.55 -10.08
N THR B 220 14.33 6.79 -9.04
CA THR B 220 13.39 7.25 -8.00
C THR B 220 13.87 8.47 -7.20
N GLU B 221 15.17 8.72 -7.21
CA GLU B 221 15.73 9.83 -6.45
C GLU B 221 15.14 11.18 -6.87
N VAL B 222 14.64 11.29 -8.10
CA VAL B 222 14.10 12.58 -8.59
C VAL B 222 12.91 13.02 -7.75
N ASP B 223 12.14 12.07 -7.23
CA ASP B 223 11.00 12.41 -6.37
C ASP B 223 11.43 13.02 -5.04
N ILE B 224 12.59 12.59 -4.54
CA ILE B 224 13.10 13.11 -3.27
C ILE B 224 13.53 14.58 -3.44
N TRP B 225 14.19 14.89 -4.54
CA TRP B 225 14.51 16.28 -4.84
C TRP B 225 13.23 17.12 -4.90
N SER B 226 12.23 16.62 -5.64
CA SER B 226 10.98 17.37 -5.81
C SER B 226 10.27 17.58 -4.49
N LEU B 227 10.28 16.57 -3.63
CA LEU B 227 9.73 16.69 -2.28
C LEU B 227 10.43 17.80 -1.51
N GLY B 228 11.75 17.86 -1.63
CA GLY B 228 12.51 18.95 -1.02
C GLY B 228 12.07 20.32 -1.50
N ILE B 229 11.85 20.45 -2.79
CA ILE B 229 11.35 21.71 -3.36
C ILE B 229 9.94 22.00 -2.78
N MET B 230 9.12 20.96 -2.62
CA MET B 230 7.80 21.16 -2.00
C MET B 230 7.89 21.61 -0.55
N VAL B 231 8.91 21.15 0.18
CA VAL B 231 9.14 21.64 1.54
C VAL B 231 9.46 23.16 1.50
N ILE B 232 10.29 23.58 0.55
CA ILE B 232 10.56 25.00 0.35
C ILE B 232 9.24 25.75 0.07
N GLU B 233 8.41 25.18 -0.80
CA GLU B 233 7.07 25.69 -1.07
C GLU B 233 6.24 25.89 0.19
N MET B 234 6.24 24.90 1.07
CA MET B 234 5.47 24.98 2.30
C MET B 234 5.97 26.14 3.16
N ILE B 235 7.28 26.30 3.23
CA ILE B 235 7.84 27.36 4.08
C ILE B 235 7.66 28.74 3.42
N ASP B 236 8.15 28.89 2.19
CA ASP B 236 8.25 30.18 1.52
C ASP B 236 6.98 30.58 0.79
N GLY B 237 6.16 29.60 0.43
CA GLY B 237 4.94 29.80 -0.36
C GLY B 237 5.11 29.57 -1.87
N GLU B 238 6.34 29.37 -2.31
CA GLU B 238 6.65 29.19 -3.71
C GLU B 238 7.98 28.47 -3.81
N PRO B 239 8.21 27.78 -4.94
CA PRO B 239 9.49 27.10 -5.10
C PRO B 239 10.59 28.11 -5.42
N PRO B 240 11.87 27.66 -5.41
CA PRO B 240 12.95 28.56 -5.80
C PRO B 240 12.81 29.09 -7.23
N TYR B 241 13.28 30.32 -7.43
CA TYR B 241 13.38 30.95 -8.76
C TYR B 241 12.02 31.15 -9.43
N PHE B 242 10.97 31.27 -8.63
CA PHE B 242 9.59 31.30 -9.17
C PHE B 242 9.30 32.57 -9.96
N ASN B 243 10.09 33.62 -9.73
CA ASN B 243 9.96 34.85 -10.47
C ASN B 243 10.60 34.79 -11.85
N GLU B 244 11.36 33.73 -12.11
CA GLU B 244 12.07 33.58 -13.36
C GLU B 244 11.27 32.74 -14.31
N PRO B 245 11.41 32.99 -15.63
CA PRO B 245 10.79 32.11 -16.60
C PRO B 245 11.17 30.65 -16.35
N PRO B 246 10.24 29.71 -16.55
CA PRO B 246 10.51 28.29 -16.24
C PRO B 246 11.83 27.74 -16.80
N LEU B 247 12.11 27.99 -18.07
CA LEU B 247 13.34 27.45 -18.69
C LEU B 247 14.59 28.07 -18.09
N GLN B 248 14.50 29.34 -17.70
CA GLN B 248 15.58 30.00 -17.01
C GLN B 248 15.77 29.41 -15.63
N ALA B 249 14.66 29.19 -14.90
CA ALA B 249 14.73 28.52 -13.61
C ALA B 249 15.42 27.14 -13.75
N MET B 250 15.06 26.41 -14.81
CA MET B 250 15.61 25.07 -15.02
C MET B 250 17.13 25.10 -15.24
N ARG B 251 17.62 26.05 -16.03
CA ARG B 251 19.06 26.26 -16.18
C ARG B 251 19.75 26.50 -14.84
N ARG B 252 19.14 27.31 -13.96
CA ARG B 252 19.67 27.55 -12.61
C ARG B 252 19.70 26.29 -11.78
N ILE B 253 18.62 25.52 -11.81
CA ILE B 253 18.59 24.26 -11.10
C ILE B 253 19.71 23.34 -11.63
N ARG B 254 19.84 23.27 -12.96
CA ARG B 254 20.82 22.40 -13.60
C ARG B 254 22.25 22.78 -13.25
N ASP B 255 22.50 24.08 -13.11
CA ASP B 255 23.86 24.59 -13.04
C ASP B 255 24.34 25.16 -11.71
N SER B 256 23.44 25.39 -10.77
CA SER B 256 23.79 26.09 -9.54
C SER B 256 23.83 25.17 -8.35
N LEU B 257 24.38 25.66 -7.26
CA LEU B 257 24.32 24.92 -6.01
C LEU B 257 22.85 24.73 -5.65
N PRO B 258 22.55 23.72 -4.80
CA PRO B 258 21.15 23.54 -4.46
C PRO B 258 20.50 24.78 -3.85
N PRO B 259 19.20 24.95 -4.05
CA PRO B 259 18.50 26.10 -3.56
C PRO B 259 18.31 26.02 -2.06
N ARG B 260 18.26 27.18 -1.43
CA ARG B 260 18.01 27.28 -0.03
C ARG B 260 16.70 28.02 0.21
N VAL B 261 16.13 27.78 1.38
CA VAL B 261 14.88 28.39 1.80
C VAL B 261 15.08 29.89 1.95
N LYS B 262 14.22 30.69 1.34
CA LYS B 262 14.35 32.12 1.45
C LYS B 262 14.08 32.60 2.89
N ASP B 263 13.06 32.04 3.52
CA ASP B 263 12.77 32.34 4.92
C ASP B 263 13.38 31.27 5.85
N LEU B 264 14.66 31.00 5.63
CA LEU B 264 15.41 30.02 6.40
C LEU B 264 15.38 30.26 7.89
N HIS B 265 15.31 31.53 8.29
CA HIS B 265 15.26 31.90 9.72
C HIS B 265 14.01 31.36 10.43
N LYS B 266 13.00 30.96 9.66
CA LYS B 266 11.78 30.40 10.21
C LYS B 266 11.85 28.89 10.37
N VAL B 267 12.98 28.30 9.99
CA VAL B 267 13.12 26.84 9.91
C VAL B 267 13.99 26.33 11.06
N SER B 268 13.52 25.29 11.77
CA SER B 268 14.29 24.70 12.86
C SER B 268 15.53 23.99 12.35
N SER B 269 16.49 23.78 13.25
CA SER B 269 17.71 23.02 12.91
CA SER B 269 17.69 23.02 12.89
C SER B 269 17.38 21.63 12.35
N VAL B 270 16.42 20.97 12.98
CA VAL B 270 16.06 19.61 12.57
C VAL B 270 15.44 19.56 11.18
N LEU B 271 14.59 20.54 10.87
CA LEU B 271 14.03 20.63 9.51
C LEU B 271 15.12 21.00 8.48
N ARG B 272 16.04 21.88 8.85
CA ARG B 272 17.18 22.17 7.96
C ARG B 272 17.96 20.92 7.60
N GLY B 273 18.21 20.08 8.60
CA GLY B 273 18.92 18.83 8.37
C GLY B 273 18.20 17.87 7.43
N PHE B 274 16.88 17.76 7.63
CA PHE B 274 15.99 16.96 6.81
C PHE B 274 16.06 17.46 5.37
N LEU B 275 15.94 18.77 5.18
CA LEU B 275 15.96 19.38 3.85
C LEU B 275 17.33 19.16 3.19
N ASP B 276 18.39 19.28 3.97
CA ASP B 276 19.77 19.07 3.47
C ASP B 276 20.02 17.67 2.90
N LEU B 277 19.23 16.69 3.34
CA LEU B 277 19.33 15.31 2.86
C LEU B 277 18.59 15.07 1.55
N MET B 278 17.65 15.96 1.23
CA MET B 278 16.83 15.86 0.02
C MET B 278 17.38 16.67 -1.15
N LEU B 279 17.84 17.90 -0.85
CA LEU B 279 18.29 18.81 -1.90
C LEU B 279 19.80 18.66 -2.10
N VAL B 280 20.15 17.48 -2.59
CA VAL B 280 21.51 17.07 -2.89
C VAL B 280 21.59 16.88 -4.39
N ARG B 281 22.54 17.53 -5.04
CA ARG B 281 22.61 17.50 -6.50
C ARG B 281 22.89 16.09 -7.02
N GLU B 282 23.85 15.39 -6.41
CA GLU B 282 24.22 14.05 -6.87
C GLU B 282 23.19 13.07 -6.32
N PRO B 283 22.40 12.41 -7.20
CA PRO B 283 21.34 11.54 -6.70
C PRO B 283 21.78 10.41 -5.80
N SER B 284 22.98 9.88 -6.02
CA SER B 284 23.48 8.79 -5.18
C SER B 284 23.78 9.21 -3.75
N GLN B 285 23.87 10.52 -3.49
CA GLN B 285 24.09 11.04 -2.15
C GLN B 285 22.83 11.61 -1.54
N ARG B 286 21.71 11.49 -2.25
CA ARG B 286 20.43 12.01 -1.80
C ARG B 286 19.81 10.90 -0.95
N ALA B 287 19.14 11.25 0.14
CA ALA B 287 18.50 10.22 0.97
C ALA B 287 17.38 9.54 0.20
N THR B 288 17.12 8.29 0.52
CA THR B 288 15.97 7.57 -0.02
C THR B 288 14.73 7.85 0.81
N ALA B 289 13.55 7.51 0.28
CA ALA B 289 12.31 7.69 1.06
C ALA B 289 12.39 6.86 2.32
N GLN B 290 12.88 5.61 2.20
CA GLN B 290 12.98 4.74 3.39
C GLN B 290 13.89 5.30 4.47
N GLU B 291 15.01 5.87 4.06
CA GLU B 291 15.92 6.54 4.98
C GLU B 291 15.29 7.75 5.63
N LEU B 292 14.61 8.57 4.84
CA LEU B 292 13.96 9.77 5.39
C LEU B 292 12.86 9.46 6.37
N LEU B 293 12.21 8.31 6.22
CA LEU B 293 11.15 7.92 7.17
C LEU B 293 11.69 7.80 8.60
N GLY B 294 12.98 7.52 8.72
CA GLY B 294 13.63 7.42 10.04
C GLY B 294 14.19 8.72 10.59
N HIS B 295 14.03 9.83 9.87
CA HIS B 295 14.63 11.11 10.30
C HIS B 295 13.91 11.69 11.51
N PRO B 296 14.67 12.23 12.47
CA PRO B 296 14.08 12.85 13.65
C PRO B 296 13.02 13.92 13.39
N PHE B 297 13.12 14.61 12.25
CA PHE B 297 12.11 15.63 11.92
C PHE B 297 10.69 15.06 11.94
N LEU B 298 10.51 13.82 11.46
CA LEU B 298 9.17 13.23 11.38
C LEU B 298 8.59 12.83 12.73
N LYS B 299 9.40 12.89 13.77
CA LYS B 299 8.89 12.76 15.13
C LYS B 299 7.94 13.92 15.49
N LEU B 300 8.05 15.02 14.76
CA LEU B 300 7.16 16.15 14.97
C LEU B 300 5.75 15.97 14.36
N ALA B 301 5.58 14.94 13.52
CA ALA B 301 4.31 14.68 12.86
C ALA B 301 3.17 14.50 13.88
N GLY B 302 1.99 14.99 13.52
CA GLY B 302 0.81 14.87 14.36
C GLY B 302 -0.28 14.07 13.70
N PRO B 303 -1.41 13.93 14.40
CA PRO B 303 -2.54 13.19 13.87
C PRO B 303 -3.29 14.05 12.85
N PRO B 304 -4.21 13.44 12.10
CA PRO B 304 -4.98 14.17 11.10
C PRO B 304 -5.64 15.44 11.62
N SER B 305 -6.03 15.47 12.89
CA SER B 305 -6.63 16.66 13.47
C SER B 305 -5.75 17.91 13.44
N CYS B 306 -4.43 17.75 13.35
CA CYS B 306 -3.54 18.92 13.33
C CYS B 306 -3.58 19.64 11.97
N ILE B 307 -4.07 18.94 10.95
CA ILE B 307 -4.18 19.49 9.60
C ILE B 307 -5.55 20.14 9.35
N VAL B 308 -6.58 19.63 10.02
CA VAL B 308 -7.94 20.14 9.85
C VAL B 308 -8.07 21.67 9.91
N PRO B 309 -7.42 22.36 10.88
CA PRO B 309 -7.56 23.83 10.95
C PRO B 309 -7.08 24.60 9.71
N LEU B 310 -6.27 23.96 8.89
CA LEU B 310 -5.68 24.59 7.73
C LEU B 310 -6.66 24.60 6.55
N MET B 311 -7.62 23.69 6.59
CA MET B 311 -8.43 23.43 5.41
C MET B 311 -9.47 24.51 5.25
N ARG B 312 -9.55 25.03 4.04
CA ARG B 312 -10.48 26.10 3.75
CA ARG B 312 -10.47 26.11 3.74
C ARG B 312 -11.13 25.80 2.42
N GLN B 313 -12.08 24.87 2.47
CA GLN B 313 -12.82 24.44 1.30
C GLN B 313 -14.29 24.36 1.66
N TYR B 314 -15.12 24.97 0.85
CA TYR B 314 -16.55 24.74 0.92
C TYR B 314 -16.82 23.28 0.55
N ARG B 315 -17.84 22.70 1.17
CA ARG B 315 -18.19 21.28 1.00
C ARG B 315 -19.44 21.12 0.15
N HIS B 316 -19.40 20.15 -0.78
CA HIS B 316 -20.58 19.81 -1.58
C HIS B 316 -20.20 19.43 -3.01
#